data_3L7H
#
_entry.id   3L7H
#
_cell.length_a   56.218
_cell.length_b   58.693
_cell.length_c   65.095
_cell.angle_alpha   90.00
_cell.angle_beta   101.80
_cell.angle_gamma   90.00
#
_symmetry.space_group_name_H-M   'P 1 21 1'
#
loop_
_entity.id
_entity.type
_entity.pdbx_description
1 polymer RE64145p
2 water water
#
_entity_poly.entity_id   1
_entity_poly.type   'polypeptide(L)'
_entity_poly.pdbx_seq_one_letter_code
;MSQEVEETLKRIQSHKGVVGTIVVNNEGIPVKSTLDNTTTVQYAGLMSQLADKARSVVRDLDPSNDMTFLRVRSKKHEIM
VAPDKDFILIVIQNPTD
;
_entity_poly.pdbx_strand_id   A,B,C,D
#
# COMPACT_ATOMS: atom_id res chain seq x y z
N LEU A 9 1.06 6.17 -23.70
CA LEU A 9 2.56 5.91 -23.70
C LEU A 9 3.26 6.40 -24.96
N LYS A 10 2.81 5.98 -26.12
CA LYS A 10 3.29 6.54 -27.37
C LYS A 10 2.72 7.95 -27.45
N ARG A 11 1.53 8.11 -26.89
CA ARG A 11 0.84 9.38 -26.95
C ARG A 11 1.44 10.35 -25.94
N ILE A 12 1.89 9.83 -24.79
CA ILE A 12 2.73 10.60 -23.85
C ILE A 12 4.00 11.15 -24.53
N GLN A 13 4.67 10.31 -25.32
CA GLN A 13 5.97 10.67 -25.92
C GLN A 13 5.86 11.74 -26.99
N SER A 14 4.70 11.78 -27.62
CA SER A 14 4.40 12.63 -28.75
C SER A 14 3.60 13.88 -28.34
N HIS A 15 3.57 14.15 -27.04
CA HIS A 15 3.00 15.36 -26.50
CA HIS A 15 3.02 15.37 -26.45
C HIS A 15 4.09 16.46 -26.58
N LYS A 16 3.75 17.65 -27.02
CA LYS A 16 4.73 18.76 -27.02
C LYS A 16 5.53 18.94 -25.70
N GLY A 17 6.83 19.24 -25.83
CA GLY A 17 7.65 19.55 -24.65
C GLY A 17 8.17 18.30 -23.99
N VAL A 18 7.62 17.13 -24.30
CA VAL A 18 8.16 15.89 -23.62
C VAL A 18 9.48 15.46 -24.23
N VAL A 19 10.48 15.36 -23.36
CA VAL A 19 11.84 15.16 -23.76
C VAL A 19 12.34 13.74 -23.44
N GLY A 20 11.59 12.98 -22.64
CA GLY A 20 12.06 11.65 -22.20
C GLY A 20 10.96 10.97 -21.44
N THR A 21 10.95 9.63 -21.50
CA THR A 21 9.99 8.84 -20.75
C THR A 21 10.63 7.52 -20.36
N ILE A 22 10.22 7.02 -19.22
CA ILE A 22 10.75 5.77 -18.77
C ILE A 22 9.61 4.99 -18.12
N VAL A 23 9.58 3.69 -18.37
CA VAL A 23 8.57 2.83 -17.73
C VAL A 23 9.31 1.82 -16.86
N VAL A 24 8.95 1.77 -15.59
CA VAL A 24 9.65 0.99 -14.62
C VAL A 24 8.63 0.01 -14.07
N ASN A 25 9.01 -1.26 -14.01
CA ASN A 25 8.20 -2.30 -13.30
C ASN A 25 8.14 -2.20 -11.75
N ASN A 26 7.33 -3.07 -11.16
CA ASN A 26 7.03 -2.98 -9.72
C ASN A 26 8.27 -3.35 -8.92
N GLU A 27 9.21 -4.02 -9.59
CA GLU A 27 10.49 -4.42 -9.00
C GLU A 27 11.59 -3.32 -9.13
N GLY A 28 11.27 -2.17 -9.75
CA GLY A 28 12.26 -1.04 -9.93
C GLY A 28 13.11 -1.10 -11.20
N ILE A 29 12.88 -2.11 -12.03
CA ILE A 29 13.66 -2.35 -13.27
C ILE A 29 13.01 -1.62 -14.48
N PRO A 30 13.79 -0.80 -15.22
CA PRO A 30 13.22 -0.12 -16.41
C PRO A 30 12.80 -1.13 -17.47
N VAL A 31 11.55 -1.06 -17.87
CA VAL A 31 11.05 -1.93 -18.94
C VAL A 31 11.02 -1.24 -20.34
N LYS A 32 10.84 0.09 -20.40
CA LYS A 32 11.07 0.87 -21.62
C LYS A 32 11.60 2.25 -21.27
N SER A 33 12.47 2.78 -22.11
CA SER A 33 13.07 4.10 -21.92
C SER A 33 13.37 4.72 -23.30
N THR A 34 13.15 6.02 -23.44
CA THR A 34 13.77 6.74 -24.56
C THR A 34 15.14 7.23 -24.21
N LEU A 35 15.64 6.99 -23.02
CA LEU A 35 16.98 7.54 -22.74
C LEU A 35 17.96 6.43 -22.73
N ASP A 36 19.23 6.80 -22.61
CA ASP A 36 20.28 5.81 -22.62
C ASP A 36 20.34 5.16 -21.25
N ASN A 37 21.03 4.04 -21.18
CA ASN A 37 20.88 3.19 -19.98
C ASN A 37 21.34 3.86 -18.65
N THR A 38 22.51 4.50 -18.65
CA THR A 38 23.06 5.19 -17.43
C THR A 38 22.09 6.31 -16.93
N THR A 39 21.66 7.17 -17.83
CA THR A 39 20.65 8.17 -17.50
C THR A 39 19.35 7.55 -17.01
N THR A 40 18.91 6.49 -17.71
CA THR A 40 17.71 5.83 -17.37
C THR A 40 17.82 5.31 -15.92
N VAL A 41 18.92 4.63 -15.56
CA VAL A 41 19.13 4.13 -14.15
C VAL A 41 19.04 5.24 -13.08
N GLN A 42 19.68 6.38 -13.34
CA GLN A 42 19.63 7.56 -12.42
C GLN A 42 18.21 8.16 -12.19
N TYR A 43 17.52 8.46 -13.27
CA TYR A 43 16.14 8.95 -13.18
C TYR A 43 15.21 7.96 -12.50
N ALA A 44 15.25 6.70 -12.96
CA ALA A 44 14.41 5.65 -12.41
C ALA A 44 14.67 5.55 -10.94
N GLY A 45 15.94 5.48 -10.55
CA GLY A 45 16.24 5.14 -9.14
C GLY A 45 15.92 6.33 -8.29
N LEU A 46 16.27 7.55 -8.75
CA LEU A 46 15.98 8.81 -7.94
C LEU A 46 14.52 9.21 -7.92
N MET A 47 13.86 9.21 -9.09
CA MET A 47 12.40 9.39 -9.03
C MET A 47 11.71 8.35 -8.21
N SER A 48 12.19 7.10 -8.19
CA SER A 48 11.49 6.10 -7.43
C SER A 48 11.60 6.37 -5.96
N GLN A 49 12.74 6.88 -5.54
CA GLN A 49 12.93 7.20 -4.11
C GLN A 49 11.95 8.31 -3.72
N LEU A 50 11.85 9.30 -4.59
CA LEU A 50 10.97 10.44 -4.37
C LEU A 50 9.48 10.03 -4.35
N ALA A 51 9.10 9.16 -5.29
CA ALA A 51 7.75 8.65 -5.34
C ALA A 51 7.41 7.81 -4.13
N ASP A 52 8.38 7.03 -3.65
CA ASP A 52 8.14 6.23 -2.50
C ASP A 52 7.92 7.14 -1.26
N LYS A 53 8.72 8.21 -1.13
CA LYS A 53 8.56 9.21 -0.02
C LYS A 53 7.18 9.88 -0.16
N ALA A 54 6.80 10.23 -1.38
CA ALA A 54 5.50 10.89 -1.58
C ALA A 54 4.33 9.98 -1.18
N ARG A 55 4.41 8.74 -1.58
CA ARG A 55 3.41 7.69 -1.25
C ARG A 55 3.26 7.57 0.27
N SER A 56 4.36 7.45 1.00
CA SER A 56 4.22 7.25 2.45
C SER A 56 3.75 8.59 3.10
N VAL A 57 4.17 9.74 2.57
CA VAL A 57 3.64 11.03 3.11
C VAL A 57 2.12 11.10 2.98
N VAL A 58 1.59 10.88 1.76
CA VAL A 58 0.13 10.73 1.57
C VAL A 58 -0.56 9.82 2.64
N ARG A 59 -0.05 8.62 2.82
CA ARG A 59 -0.62 7.65 3.75
C ARG A 59 -0.54 8.13 5.19
N ASP A 60 0.54 8.85 5.53
CA ASP A 60 0.73 9.32 6.92
C ASP A 60 -0.34 10.38 7.22
N LEU A 61 -0.60 11.24 6.25
CA LEU A 61 -1.65 12.26 6.42
C LEU A 61 -3.09 11.63 6.53
N ASP A 62 -3.36 10.56 5.79
CA ASP A 62 -4.72 9.96 5.77
C ASP A 62 -4.51 8.53 5.32
N PRO A 63 -4.77 7.58 6.21
CA PRO A 63 -4.44 6.22 5.78
C PRO A 63 -5.41 5.69 4.71
N SER A 64 -6.47 6.42 4.44
CA SER A 64 -7.40 5.98 3.38
C SER A 64 -7.09 6.63 2.01
N ASN A 65 -6.08 7.50 1.98
CA ASN A 65 -5.75 8.24 0.78
C ASN A 65 -4.58 7.55 0.06
N ASP A 66 -4.40 7.78 -1.27
CA ASP A 66 -3.25 7.20 -2.04
C ASP A 66 -2.76 8.26 -3.01
N MET A 67 -1.44 8.31 -3.21
CA MET A 67 -0.84 9.24 -4.11
C MET A 67 -1.20 8.75 -5.51
N THR A 68 -1.50 9.69 -6.39
CA THR A 68 -1.77 9.32 -7.78
C THR A 68 -0.78 9.95 -8.80
N PHE A 69 -0.16 11.05 -8.43
CA PHE A 69 0.76 11.67 -9.34
CA PHE A 69 0.74 11.75 -9.39
C PHE A 69 1.73 12.54 -8.60
N LEU A 70 2.97 12.65 -9.09
CA LEU A 70 3.88 13.57 -8.49
C LEU A 70 4.53 14.45 -9.58
N ARG A 71 4.60 15.75 -9.39
CA ARG A 71 5.24 16.61 -10.39
C ARG A 71 6.26 17.47 -9.66
N VAL A 72 7.50 17.41 -10.13
CA VAL A 72 8.56 18.23 -9.61
C VAL A 72 9.02 19.18 -10.75
N ARG A 73 8.74 20.47 -10.56
CA ARG A 73 9.21 21.55 -11.44
C ARG A 73 10.55 22.13 -10.97
N SER A 74 11.39 22.51 -11.92
CA SER A 74 12.71 23.00 -11.61
C SER A 74 12.97 24.02 -12.68
N LYS A 75 14.13 24.61 -12.57
CA LYS A 75 14.56 25.64 -13.54
C LYS A 75 14.53 25.03 -14.96
N LYS A 76 15.01 23.78 -15.14
CA LYS A 76 15.28 23.27 -16.49
C LYS A 76 14.20 22.39 -17.03
N HIS A 77 13.35 21.86 -16.18
CA HIS A 77 12.31 20.94 -16.68
C HIS A 77 11.22 20.71 -15.66
N GLU A 78 10.20 19.94 -16.05
CA GLU A 78 9.33 19.36 -15.08
C GLU A 78 9.44 17.82 -15.20
N ILE A 79 9.42 17.16 -14.07
CA ILE A 79 9.39 15.69 -14.07
C ILE A 79 8.14 15.20 -13.38
N MET A 80 7.38 14.36 -14.10
CA MET A 80 6.17 13.72 -13.59
CA MET A 80 6.16 13.72 -13.57
C MET A 80 6.41 12.23 -13.34
N VAL A 81 5.91 11.74 -12.20
CA VAL A 81 5.88 10.29 -11.88
C VAL A 81 4.45 9.89 -11.68
N ALA A 82 3.90 9.00 -12.51
CA ALA A 82 2.56 8.49 -12.27
C ALA A 82 2.56 6.98 -12.00
N PRO A 83 2.06 6.57 -10.82
CA PRO A 83 1.79 5.16 -10.54
C PRO A 83 0.67 4.69 -11.49
N ASP A 84 0.89 3.53 -12.09
CA ASP A 84 -0.03 2.93 -13.07
C ASP A 84 0.05 1.39 -12.97
N LYS A 85 -0.80 0.84 -12.09
CA LYS A 85 -1.02 -0.60 -11.91
C LYS A 85 0.32 -1.22 -11.51
N ASP A 86 0.84 -2.08 -12.39
CA ASP A 86 2.12 -2.76 -12.15
C ASP A 86 3.37 -2.04 -12.66
N PHE A 87 3.25 -0.72 -12.92
CA PHE A 87 4.36 0.12 -13.49
C PHE A 87 4.34 1.53 -12.93
N ILE A 88 5.47 2.23 -13.04
CA ILE A 88 5.47 3.65 -12.81
C ILE A 88 5.93 4.29 -14.07
N LEU A 89 5.35 5.46 -14.38
CA LEU A 89 5.72 6.15 -15.55
C LEU A 89 6.48 7.42 -15.15
N ILE A 90 7.58 7.72 -15.82
CA ILE A 90 8.39 8.88 -15.50
C ILE A 90 8.52 9.67 -16.79
N VAL A 91 8.04 10.91 -16.77
CA VAL A 91 8.06 11.77 -17.95
C VAL A 91 8.84 13.04 -17.64
N ILE A 92 9.82 13.36 -18.49
CA ILE A 92 10.58 14.62 -18.37
C ILE A 92 10.10 15.57 -19.46
N GLN A 93 9.60 16.74 -19.04
CA GLN A 93 9.01 17.71 -19.99
C GLN A 93 9.60 19.14 -19.81
N ASN A 94 9.71 19.89 -20.89
CA ASN A 94 10.21 21.30 -20.88
C ASN A 94 9.02 22.20 -20.73
N MET B 1 8.15 -27.46 -13.60
CA MET B 1 8.01 -26.47 -12.51
C MET B 1 9.30 -26.38 -11.66
N SER B 2 9.49 -25.24 -10.99
CA SER B 2 10.70 -24.99 -10.16
C SER B 2 11.03 -26.13 -9.19
N GLN B 3 12.20 -26.80 -9.34
CA GLN B 3 12.60 -27.91 -8.43
C GLN B 3 12.62 -27.40 -7.00
N GLU B 4 13.12 -26.18 -6.84
CA GLU B 4 13.05 -25.53 -5.52
C GLU B 4 11.67 -25.56 -4.86
N VAL B 5 10.65 -25.04 -5.55
CA VAL B 5 9.28 -25.05 -5.01
C VAL B 5 8.75 -26.48 -4.82
N GLU B 6 9.02 -27.36 -5.77
CA GLU B 6 8.60 -28.75 -5.64
C GLU B 6 9.27 -29.51 -4.47
N GLU B 7 10.52 -29.17 -4.14
CA GLU B 7 11.15 -29.70 -2.92
C GLU B 7 10.43 -29.23 -1.66
N THR B 8 10.11 -27.94 -1.63
CA THR B 8 9.30 -27.38 -0.56
C THR B 8 7.93 -28.10 -0.42
N LEU B 9 7.30 -28.28 -1.57
CA LEU B 9 5.98 -28.90 -1.68
C LEU B 9 6.03 -30.33 -1.12
N LYS B 10 6.96 -31.15 -1.66
CA LYS B 10 7.30 -32.48 -1.11
C LYS B 10 7.53 -32.51 0.41
N ARG B 11 8.32 -31.58 0.96
CA ARG B 11 8.46 -31.53 2.44
C ARG B 11 7.11 -31.27 3.11
N ILE B 12 6.33 -30.35 2.55
CA ILE B 12 4.99 -30.10 3.12
C ILE B 12 4.09 -31.34 3.02
N GLN B 13 4.19 -32.07 1.92
CA GLN B 13 3.32 -33.22 1.68
C GLN B 13 3.56 -34.40 2.63
N SER B 14 4.74 -34.45 3.25
CA SER B 14 5.13 -35.58 4.07
C SER B 14 5.02 -35.18 5.54
N HIS B 15 4.35 -34.06 5.82
CA HIS B 15 4.08 -33.63 7.19
C HIS B 15 2.79 -34.32 7.69
N LYS B 16 2.82 -34.84 8.91
CA LYS B 16 1.68 -35.50 9.47
C LYS B 16 0.49 -34.54 9.42
N GLY B 17 -0.67 -35.02 9.07
CA GLY B 17 -1.83 -34.11 8.99
C GLY B 17 -2.13 -33.50 7.63
N VAL B 18 -1.13 -33.38 6.75
CA VAL B 18 -1.42 -32.80 5.40
C VAL B 18 -2.23 -33.79 4.59
N VAL B 19 -3.41 -33.39 4.13
CA VAL B 19 -4.24 -34.34 3.37
C VAL B 19 -4.23 -34.05 1.83
N GLY B 20 -3.78 -32.86 1.40
CA GLY B 20 -3.84 -32.54 -0.03
C GLY B 20 -3.01 -31.36 -0.31
N THR B 21 -2.41 -31.33 -1.49
CA THR B 21 -1.72 -30.04 -1.92
C THR B 21 -1.97 -29.77 -3.36
N ILE B 22 -1.83 -28.50 -3.73
CA ILE B 22 -1.97 -28.11 -5.09
C ILE B 22 -1.01 -27.00 -5.31
N VAL B 23 -0.40 -27.02 -6.48
CA VAL B 23 0.40 -25.91 -6.93
C VAL B 23 -0.15 -25.24 -8.20
N VAL B 24 -0.26 -23.91 -8.17
CA VAL B 24 -0.91 -23.21 -9.25
C VAL B 24 0.13 -22.24 -9.81
N ASN B 25 0.16 -22.03 -11.13
CA ASN B 25 1.06 -21.03 -11.69
C ASN B 25 0.46 -19.61 -11.60
N ASN B 26 1.20 -18.62 -12.04
CA ASN B 26 0.70 -17.24 -11.87
C ASN B 26 -0.41 -16.83 -12.81
N GLU B 27 -0.81 -17.71 -13.76
CA GLU B 27 -2.04 -17.51 -14.52
C GLU B 27 -3.20 -18.27 -13.95
N GLY B 28 -3.03 -18.82 -12.74
CA GLY B 28 -4.10 -19.54 -12.08
C GLY B 28 -4.32 -21.00 -12.50
N ILE B 29 -3.52 -21.50 -13.44
CA ILE B 29 -3.59 -22.90 -13.92
C ILE B 29 -2.91 -23.87 -12.88
N PRO B 30 -3.60 -24.95 -12.44
CA PRO B 30 -2.97 -25.93 -11.58
C PRO B 30 -1.80 -26.60 -12.31
N VAL B 31 -0.64 -26.73 -11.66
CA VAL B 31 0.49 -27.44 -12.31
C VAL B 31 0.82 -28.79 -11.62
N LYS B 32 0.46 -28.94 -10.36
CA LYS B 32 0.54 -30.20 -9.66
C LYS B 32 -0.62 -30.25 -8.72
N SER B 33 -1.14 -31.43 -8.47
CA SER B 33 -2.20 -31.56 -7.51
C SER B 33 -2.32 -33.03 -7.11
N THR B 34 -2.76 -33.28 -5.90
CA THR B 34 -2.90 -34.65 -5.41
C THR B 34 -4.37 -34.98 -5.54
N LEU B 35 -5.15 -34.03 -6.06
CA LEU B 35 -6.64 -34.20 -6.09
C LEU B 35 -7.00 -34.45 -7.51
N ASP B 36 -8.19 -35.00 -7.78
CA ASP B 36 -8.63 -35.21 -9.16
C ASP B 36 -8.89 -33.84 -9.79
N ASN B 37 -9.01 -33.76 -11.13
CA ASN B 37 -9.04 -32.44 -11.83
C ASN B 37 -10.18 -31.52 -11.45
N THR B 38 -11.42 -31.99 -11.41
CA THR B 38 -12.57 -31.06 -11.10
C THR B 38 -12.49 -30.54 -9.62
N THR B 39 -12.02 -31.36 -8.71
CA THR B 39 -11.89 -30.97 -7.28
C THR B 39 -10.81 -29.89 -7.21
N THR B 40 -9.75 -30.08 -7.98
CA THR B 40 -8.59 -29.19 -7.97
C THR B 40 -9.01 -27.81 -8.48
N VAL B 41 -9.79 -27.77 -9.55
CA VAL B 41 -10.29 -26.51 -10.12
C VAL B 41 -11.05 -25.71 -9.05
N GLN B 42 -11.90 -26.43 -8.30
CA GLN B 42 -12.73 -25.82 -7.26
C GLN B 42 -11.89 -25.23 -6.10
N TYR B 43 -10.99 -26.01 -5.49
CA TYR B 43 -10.09 -25.50 -4.43
C TYR B 43 -9.13 -24.44 -4.98
N ALA B 44 -8.51 -24.71 -6.14
CA ALA B 44 -7.56 -23.74 -6.77
C ALA B 44 -8.22 -22.45 -6.91
N GLY B 45 -9.44 -22.43 -7.50
CA GLY B 45 -10.02 -21.15 -7.86
C GLY B 45 -10.53 -20.38 -6.64
N LEU B 46 -11.19 -21.07 -5.72
CA LEU B 46 -11.75 -20.40 -4.53
C LEU B 46 -10.62 -19.94 -3.63
N MET B 47 -9.59 -20.76 -3.46
CA MET B 47 -8.42 -20.29 -2.65
C MET B 47 -7.64 -19.17 -3.36
N SER B 48 -7.53 -19.20 -4.67
CA SER B 48 -6.92 -18.06 -5.39
C SER B 48 -7.70 -16.79 -5.21
N GLN B 49 -9.02 -16.91 -5.22
CA GLN B 49 -9.87 -15.75 -4.96
C GLN B 49 -9.53 -15.16 -3.60
N LEU B 50 -9.53 -16.00 -2.58
CA LEU B 50 -9.23 -15.59 -1.24
C LEU B 50 -7.83 -15.07 -1.07
N ALA B 51 -6.83 -15.74 -1.67
CA ALA B 51 -5.45 -15.18 -1.72
C ALA B 51 -5.37 -13.79 -2.37
N ASP B 52 -6.16 -13.56 -3.43
CA ASP B 52 -6.17 -12.31 -4.14
C ASP B 52 -6.73 -11.23 -3.18
N LYS B 53 -7.76 -11.58 -2.44
CA LYS B 53 -8.38 -10.62 -1.52
C LYS B 53 -7.41 -10.32 -0.36
N ALA B 54 -6.73 -11.37 0.14
CA ALA B 54 -5.65 -11.20 1.13
C ALA B 54 -4.54 -10.29 0.68
N ARG B 55 -4.06 -10.47 -0.54
CA ARG B 55 -3.06 -9.57 -1.13
C ARG B 55 -3.51 -8.11 -1.21
N SER B 56 -4.72 -7.85 -1.72
CA SER B 56 -5.13 -6.49 -1.90
C SER B 56 -5.41 -5.86 -0.52
N VAL B 57 -6.01 -6.62 0.41
CA VAL B 57 -6.21 -6.08 1.79
C VAL B 57 -4.89 -5.65 2.43
N VAL B 58 -3.89 -6.49 2.34
CA VAL B 58 -2.57 -6.10 2.81
C VAL B 58 -2.00 -4.81 2.18
N ARG B 59 -2.14 -4.69 0.87
CA ARG B 59 -1.65 -3.51 0.16
C ARG B 59 -2.47 -2.26 0.47
N ASP B 60 -3.78 -2.47 0.67
CA ASP B 60 -4.75 -1.42 1.03
C ASP B 60 -4.37 -0.89 2.38
N LEU B 61 -4.00 -1.78 3.32
CA LEU B 61 -3.53 -1.34 4.63
C LEU B 61 -2.15 -0.68 4.65
N ASP B 62 -1.25 -1.17 3.79
CA ASP B 62 0.13 -0.63 3.71
C ASP B 62 0.67 -0.97 2.32
N PRO B 63 0.78 0.05 1.41
CA PRO B 63 1.11 -0.17 0.00
C PRO B 63 2.51 -0.72 -0.19
N SER B 64 3.33 -0.64 0.87
CA SER B 64 4.75 -1.14 0.84
C SER B 64 4.88 -2.54 1.44
N ASN B 65 3.78 -3.07 1.98
CA ASN B 65 3.75 -4.44 2.56
C ASN B 65 3.32 -5.46 1.50
N ASP B 66 3.64 -6.75 1.72
CA ASP B 66 3.18 -7.84 0.83
C ASP B 66 2.73 -9.03 1.62
N MET B 67 1.67 -9.73 1.18
CA MET B 67 1.18 -10.89 1.88
C MET B 67 2.19 -12.02 1.66
N THR B 68 2.47 -12.80 2.70
CA THR B 68 3.27 -14.04 2.54
C THR B 68 2.53 -15.43 2.71
N PHE B 69 1.49 -15.47 3.54
CA PHE B 69 0.56 -16.60 3.56
CA PHE B 69 0.68 -16.68 3.85
C PHE B 69 -0.71 -16.21 4.26
N LEU B 70 -1.75 -17.00 3.97
CA LEU B 70 -3.05 -16.83 4.56
C LEU B 70 -3.36 -18.25 5.10
N ARG B 71 -3.87 -18.38 6.34
CA ARG B 71 -4.33 -19.64 6.86
C ARG B 71 -5.76 -19.48 7.25
N VAL B 72 -6.61 -20.37 6.75
CA VAL B 72 -8.01 -20.29 7.12
C VAL B 72 -8.38 -21.59 7.80
N ARG B 73 -8.79 -21.51 9.07
CA ARG B 73 -9.14 -22.70 9.85
C ARG B 73 -10.65 -22.76 9.90
N SER B 74 -11.18 -23.97 9.90
CA SER B 74 -12.60 -24.21 10.00
C SER B 74 -12.79 -25.41 10.89
N LYS B 75 -14.03 -25.76 11.12
CA LYS B 75 -14.34 -26.89 11.95
C LYS B 75 -13.60 -28.12 11.45
N LYS B 76 -13.57 -28.28 10.14
CA LYS B 76 -13.10 -29.55 9.53
C LYS B 76 -11.63 -29.62 9.15
N HIS B 77 -11.01 -28.50 8.78
CA HIS B 77 -9.63 -28.58 8.31
C HIS B 77 -8.99 -27.21 8.45
N GLU B 78 -7.76 -27.13 8.01
CA GLU B 78 -7.11 -25.85 7.81
C GLU B 78 -6.57 -25.83 6.41
N ILE B 79 -6.66 -24.66 5.75
CA ILE B 79 -6.10 -24.52 4.43
C ILE B 79 -5.16 -23.36 4.44
N MET B 80 -3.94 -23.61 3.93
CA MET B 80 -2.96 -22.55 3.76
C MET B 80 -2.80 -22.20 2.30
N VAL B 81 -2.59 -20.93 1.98
CA VAL B 81 -2.29 -20.55 0.59
C VAL B 81 -1.08 -19.62 0.74
N ALA B 82 -0.04 -19.84 -0.03
CA ALA B 82 1.19 -19.06 0.12
C ALA B 82 1.84 -18.83 -1.27
N PRO B 83 2.13 -17.56 -1.67
CA PRO B 83 3.02 -17.46 -2.86
C PRO B 83 4.40 -18.09 -2.60
N ASP B 84 4.96 -18.74 -3.61
CA ASP B 84 6.35 -19.18 -3.55
C ASP B 84 6.91 -18.86 -4.91
N LYS B 85 7.79 -17.87 -5.03
CA LYS B 85 8.26 -17.51 -6.37
C LYS B 85 7.09 -17.10 -7.33
N ASP B 86 7.06 -17.65 -8.56
CA ASP B 86 5.96 -17.33 -9.52
C ASP B 86 4.82 -18.37 -9.41
N PHE B 87 4.76 -19.07 -8.27
CA PHE B 87 3.72 -20.08 -8.01
C PHE B 87 2.91 -19.72 -6.77
N ILE B 88 1.75 -20.34 -6.65
CA ILE B 88 1.00 -20.27 -5.44
C ILE B 88 0.84 -21.74 -4.92
N LEU B 89 1.05 -21.93 -3.63
CA LEU B 89 0.89 -23.25 -2.95
C LEU B 89 -0.37 -23.25 -2.13
N ILE B 90 -1.14 -24.34 -2.24
CA ILE B 90 -2.34 -24.48 -1.48
C ILE B 90 -2.18 -25.79 -0.69
N VAL B 91 -2.36 -25.72 0.61
CA VAL B 91 -2.19 -26.95 1.48
C VAL B 91 -3.41 -27.10 2.34
N ILE B 92 -3.98 -28.31 2.30
CA ILE B 92 -5.11 -28.70 3.14
C ILE B 92 -4.60 -29.67 4.20
N GLN B 93 -4.84 -29.33 5.48
CA GLN B 93 -4.35 -30.11 6.59
C GLN B 93 -5.43 -30.35 7.64
N ASN B 94 -5.33 -31.47 8.36
CA ASN B 94 -6.26 -31.89 9.42
CA ASN B 94 -6.41 -31.76 9.31
C ASN B 94 -6.31 -30.96 10.62
N VAL C 5 4.07 37.33 2.63
CA VAL C 5 2.86 36.90 3.41
C VAL C 5 1.58 37.46 2.76
N GLU C 6 0.99 38.48 3.38
CA GLU C 6 -0.39 38.88 3.14
C GLU C 6 -0.84 38.90 1.65
N GLU C 7 0.01 39.47 0.79
CA GLU C 7 -0.28 39.70 -0.64
C GLU C 7 -0.51 38.43 -1.47
N THR C 8 0.39 37.47 -1.31
CA THR C 8 0.28 36.17 -1.96
C THR C 8 -0.85 35.33 -1.31
N LEU C 9 -0.96 35.39 0.01
CA LEU C 9 -1.75 34.44 0.83
C LEU C 9 -3.25 34.51 0.61
N LYS C 10 -3.83 35.64 1.03
CA LYS C 10 -5.24 35.88 0.82
C LYS C 10 -5.64 35.60 -0.61
N ARG C 11 -4.81 36.01 -1.55
CA ARG C 11 -5.09 35.70 -2.97
C ARG C 11 -5.19 34.16 -3.20
N ILE C 12 -4.24 33.43 -2.65
CA ILE C 12 -4.23 31.97 -2.81
C ILE C 12 -5.45 31.33 -2.14
N GLN C 13 -5.78 31.77 -0.93
CA GLN C 13 -6.87 31.12 -0.15
C GLN C 13 -8.22 31.43 -0.74
N SER C 14 -8.25 32.53 -1.50
CA SER C 14 -9.44 33.02 -2.19
C SER C 14 -9.65 32.40 -3.56
N HIS C 15 -8.71 31.55 -3.95
CA HIS C 15 -8.76 30.80 -5.21
C HIS C 15 -9.73 29.55 -5.10
N LYS C 16 -10.59 29.39 -6.10
CA LYS C 16 -11.51 28.23 -6.18
C LYS C 16 -10.76 26.91 -5.94
N GLY C 17 -11.33 26.05 -5.14
CA GLY C 17 -10.70 24.75 -4.90
C GLY C 17 -9.65 24.70 -3.81
N VAL C 18 -9.07 25.84 -3.43
CA VAL C 18 -8.15 25.84 -2.31
C VAL C 18 -8.86 25.56 -0.97
N VAL C 19 -8.41 24.54 -0.25
CA VAL C 19 -9.09 24.20 1.00
C VAL C 19 -8.28 24.48 2.24
N GLY C 20 -6.95 24.68 2.10
CA GLY C 20 -6.08 25.00 3.24
C GLY C 20 -4.75 25.56 2.78
N THR C 21 -4.07 26.33 3.63
CA THR C 21 -2.77 26.95 3.23
CA THR C 21 -2.83 27.00 3.17
C THR C 21 -1.96 27.10 4.48
N ILE C 22 -0.66 26.98 4.32
CA ILE C 22 0.24 27.08 5.48
C ILE C 22 1.50 27.72 5.00
N VAL C 23 2.02 28.66 5.79
CA VAL C 23 3.26 29.35 5.45
C VAL C 23 4.25 28.96 6.53
N VAL C 24 5.44 28.51 6.11
CA VAL C 24 6.45 28.05 7.05
C VAL C 24 7.66 28.93 6.85
N ASN C 25 8.30 29.34 7.94
CA ASN C 25 9.52 30.17 7.79
C ASN C 25 10.73 29.30 7.50
N ASN C 26 11.89 29.90 7.30
CA ASN C 26 13.09 29.14 6.90
CA ASN C 26 13.11 29.20 6.94
C ASN C 26 13.64 28.23 8.00
N GLU C 27 13.15 28.36 9.24
CA GLU C 27 13.57 27.46 10.34
C GLU C 27 12.63 26.25 10.42
N GLY C 28 11.60 26.29 9.62
CA GLY C 28 10.57 25.25 9.63
C GLY C 28 9.41 25.51 10.56
N ILE C 29 9.32 26.72 11.11
CA ILE C 29 8.24 26.98 12.08
C ILE C 29 7.05 27.53 11.27
N PRO C 30 5.80 27.08 11.53
CA PRO C 30 4.63 27.64 10.87
C PRO C 30 4.43 29.11 11.25
N VAL C 31 4.13 29.94 10.27
CA VAL C 31 3.93 31.38 10.55
C VAL C 31 2.44 31.72 10.39
N LYS C 32 1.81 31.12 9.40
CA LYS C 32 0.36 31.34 9.18
C LYS C 32 -0.22 30.01 8.76
N SER C 33 -1.43 29.71 9.21
CA SER C 33 -2.07 28.46 8.89
C SER C 33 -3.62 28.50 9.01
N THR C 34 -4.30 27.92 8.05
CA THR C 34 -5.76 27.75 8.17
C THR C 34 -6.12 26.49 8.95
N LEU C 35 -5.15 25.68 9.32
CA LEU C 35 -5.53 24.44 9.97
C LEU C 35 -5.26 24.54 11.45
N ASP C 36 -5.80 23.61 12.22
CA ASP C 36 -5.47 23.53 13.64
C ASP C 36 -3.95 23.16 13.92
N ASN C 37 -3.40 23.56 15.07
CA ASN C 37 -1.92 23.43 15.26
C ASN C 37 -1.41 22.03 15.00
N THR C 38 -2.10 21.02 15.55
CA THR C 38 -1.70 19.62 15.38
C THR C 38 -1.67 19.17 13.92
N THR C 39 -2.62 19.62 13.10
CA THR C 39 -2.63 19.20 11.71
C THR C 39 -1.51 19.99 10.99
N THR C 40 -1.40 21.24 11.36
CA THR C 40 -0.46 22.11 10.73
C THR C 40 0.96 21.52 10.80
N VAL C 41 1.39 21.20 12.01
CA VAL C 41 2.66 20.52 12.29
C VAL C 41 2.87 19.27 11.39
N GLN C 42 1.82 18.42 11.24
CA GLN C 42 1.93 17.21 10.42
C GLN C 42 2.23 17.57 8.97
N TYR C 43 1.42 18.42 8.37
CA TYR C 43 1.56 18.83 6.94
C TYR C 43 2.85 19.53 6.66
N ALA C 44 3.13 20.54 7.49
CA ALA C 44 4.41 21.26 7.41
C ALA C 44 5.63 20.33 7.47
N GLY C 45 5.68 19.42 8.44
CA GLY C 45 6.91 18.67 8.61
C GLY C 45 7.01 17.64 7.48
N LEU C 46 5.92 16.93 7.22
CA LEU C 46 5.87 15.95 6.14
C LEU C 46 6.14 16.55 4.77
N MET C 47 5.46 17.64 4.44
CA MET C 47 5.73 18.33 3.16
C MET C 47 7.15 18.90 3.06
N SER C 48 7.74 19.44 4.15
CA SER C 48 9.14 19.85 4.21
C SER C 48 10.10 18.72 3.97
N GLN C 49 9.86 17.51 4.53
CA GLN C 49 10.66 16.33 4.18
C GLN C 49 10.60 16.04 2.69
N LEU C 50 9.39 15.95 2.12
CA LEU C 50 9.22 15.71 0.69
C LEU C 50 9.93 16.76 -0.17
N ALA C 51 9.72 18.06 0.11
CA ALA C 51 10.42 19.13 -0.58
C ALA C 51 11.95 19.03 -0.54
N ASP C 52 12.53 18.79 0.64
CA ASP C 52 14.00 18.70 0.83
C ASP C 52 14.52 17.52 -0.01
N LYS C 53 13.74 16.45 -0.08
CA LYS C 53 14.17 15.30 -0.85
C LYS C 53 14.04 15.60 -2.35
N ALA C 54 12.94 16.22 -2.78
CA ALA C 54 12.84 16.71 -4.17
C ALA C 54 14.02 17.63 -4.57
N ARG C 55 14.37 18.51 -3.67
CA ARG C 55 15.47 19.42 -3.92
C ARG C 55 16.78 18.65 -4.17
N SER C 56 17.06 17.67 -3.31
CA SER C 56 18.30 16.85 -3.42
C SER C 56 18.28 16.05 -4.71
N VAL C 57 17.11 15.45 -4.99
CA VAL C 57 16.94 14.64 -6.22
C VAL C 57 17.28 15.50 -7.47
N VAL C 58 16.72 16.70 -7.54
CA VAL C 58 16.93 17.59 -8.69
C VAL C 58 18.42 17.87 -8.93
N ARG C 59 19.12 18.18 -7.84
CA ARG C 59 20.60 18.44 -7.84
C ARG C 59 21.41 17.19 -8.12
N ASP C 60 20.93 16.02 -7.64
CA ASP C 60 21.65 14.77 -7.97
C ASP C 60 21.59 14.52 -9.49
N LEU C 61 20.40 14.72 -10.07
CA LEU C 61 20.22 14.51 -11.52
C LEU C 61 21.06 15.51 -12.31
N ASP C 62 21.20 16.72 -11.78
CA ASP C 62 21.87 17.81 -12.50
C ASP C 62 22.27 18.95 -11.56
N PRO C 63 23.54 18.99 -11.13
CA PRO C 63 24.04 20.06 -10.25
C PRO C 63 23.72 21.49 -10.63
N SER C 64 23.39 21.75 -11.89
CA SER C 64 23.17 23.12 -12.30
C SER C 64 21.69 23.43 -12.27
N ASN C 65 20.89 22.47 -11.83
CA ASN C 65 19.44 22.65 -11.88
C ASN C 65 18.94 22.92 -10.48
N ASP C 66 17.70 23.41 -10.31
CA ASP C 66 17.20 23.73 -8.97
C ASP C 66 15.70 23.54 -8.96
N MET C 67 15.17 22.88 -7.92
CA MET C 67 13.72 22.64 -7.83
C MET C 67 12.98 24.01 -7.62
N THR C 68 11.82 24.23 -8.23
CA THR C 68 11.05 25.46 -8.04
C THR C 68 9.72 25.16 -7.26
N PHE C 69 9.00 24.09 -7.59
CA PHE C 69 7.88 23.68 -6.76
C PHE C 69 7.58 22.20 -6.98
N LEU C 70 6.85 21.61 -6.07
CA LEU C 70 6.49 20.16 -6.06
C LEU C 70 4.94 20.10 -6.00
N ARG C 71 4.27 19.18 -6.69
CA ARG C 71 2.78 18.94 -6.52
C ARG C 71 2.56 17.50 -6.35
N VAL C 72 1.85 17.11 -5.31
CA VAL C 72 1.59 15.70 -5.09
C VAL C 72 0.07 15.55 -5.19
N ARG C 73 -0.40 14.77 -6.18
CA ARG C 73 -1.85 14.54 -6.36
CA ARG C 73 -1.82 14.53 -6.39
C ARG C 73 -2.17 13.22 -5.68
N SER C 74 -3.36 13.16 -5.06
CA SER C 74 -3.83 11.93 -4.42
C SER C 74 -5.28 11.83 -4.78
N LYS C 75 -5.85 10.71 -4.38
CA LYS C 75 -7.29 10.46 -4.52
C LYS C 75 -8.08 11.66 -4.02
N LYS C 76 -7.73 12.19 -2.84
CA LYS C 76 -8.55 13.22 -2.21
C LYS C 76 -8.18 14.66 -2.46
N HIS C 77 -6.92 14.96 -2.78
CA HIS C 77 -6.56 16.35 -2.96
C HIS C 77 -5.30 16.44 -3.73
N GLU C 78 -4.90 17.68 -4.03
CA GLU C 78 -3.55 17.91 -4.48
C GLU C 78 -2.87 18.90 -3.50
N ILE C 79 -1.61 18.62 -3.18
CA ILE C 79 -0.83 19.53 -2.33
C ILE C 79 0.37 20.11 -3.10
N MET C 80 0.47 21.43 -3.09
CA MET C 80 1.60 22.11 -3.71
C MET C 80 2.55 22.65 -2.62
N VAL C 81 3.84 22.57 -2.87
CA VAL C 81 4.80 23.05 -1.91
C VAL C 81 5.69 23.90 -2.74
N ALA C 82 5.80 25.18 -2.40
CA ALA C 82 6.59 26.08 -3.20
C ALA C 82 7.55 26.91 -2.30
N PRO C 83 8.89 26.69 -2.40
CA PRO C 83 9.88 27.72 -1.99
C PRO C 83 9.49 29.15 -2.38
N ASP C 84 9.64 30.11 -1.45
CA ASP C 84 9.22 31.53 -1.64
C ASP C 84 10.07 32.40 -0.69
N LYS C 85 11.18 32.91 -1.22
CA LYS C 85 12.06 33.83 -0.48
C LYS C 85 12.42 33.13 0.83
N ASP C 86 11.99 33.79 1.90
CA ASP C 86 12.23 33.37 3.25
C ASP C 86 11.15 32.43 3.79
N PHE C 87 10.39 31.79 2.89
CA PHE C 87 9.19 31.00 3.25
C PHE C 87 8.93 29.81 2.34
N ILE C 88 8.29 28.78 2.88
CA ILE C 88 7.74 27.71 2.07
C ILE C 88 6.21 27.86 2.17
N LEU C 89 5.52 27.76 1.04
CA LEU C 89 4.10 27.89 0.99
C LEU C 89 3.53 26.49 0.66
N ILE C 90 2.56 26.01 1.45
CA ILE C 90 1.94 24.71 1.27
C ILE C 90 0.46 25.04 0.96
N VAL C 91 -0.08 24.53 -0.13
CA VAL C 91 -1.46 24.84 -0.48
C VAL C 91 -2.12 23.49 -0.75
N ILE C 92 -3.29 23.27 -0.13
CA ILE C 92 -3.99 22.02 -0.30
C ILE C 92 -5.17 22.42 -1.11
N GLN C 93 -5.38 21.74 -2.23
CA GLN C 93 -6.56 22.02 -3.04
C GLN C 93 -7.31 20.80 -3.51
N ASN C 94 -8.56 21.00 -3.90
CA ASN C 94 -9.42 19.90 -4.43
C ASN C 94 -8.95 19.39 -5.82
N VAL D 5 -15.49 -6.66 27.95
CA VAL D 5 -14.78 -6.31 26.67
C VAL D 5 -13.46 -5.61 27.00
N GLU D 6 -13.46 -4.80 28.06
CA GLU D 6 -12.26 -4.07 28.49
C GLU D 6 -11.12 -5.04 28.93
N GLU D 7 -11.48 -6.14 29.63
CA GLU D 7 -10.54 -7.18 30.08
C GLU D 7 -9.88 -7.87 28.91
N THR D 8 -10.71 -8.30 27.96
CA THR D 8 -10.25 -9.02 26.75
C THR D 8 -9.16 -8.26 25.99
N LEU D 9 -9.43 -7.01 25.62
CA LEU D 9 -8.46 -6.18 24.91
C LEU D 9 -7.13 -6.21 25.71
N LYS D 10 -7.19 -5.76 26.96
CA LYS D 10 -6.00 -5.77 27.84
C LYS D 10 -5.26 -7.13 27.93
N ARG D 11 -5.98 -8.26 28.01
CA ARG D 11 -5.31 -9.60 28.08
C ARG D 11 -4.58 -9.92 26.76
N ILE D 12 -5.19 -9.59 25.61
CA ILE D 12 -4.56 -10.02 24.34
C ILE D 12 -3.38 -9.11 24.08
N GLN D 13 -3.53 -7.84 24.43
CA GLN D 13 -2.51 -6.82 24.18
C GLN D 13 -1.26 -7.10 25.03
N SER D 14 -1.46 -7.86 26.10
CA SER D 14 -0.35 -8.12 27.01
C SER D 14 0.45 -9.38 26.61
N HIS D 15 0.04 -10.03 25.53
CA HIS D 15 0.78 -11.19 24.96
C HIS D 15 2.00 -10.69 24.18
N LYS D 16 3.18 -11.20 24.49
CA LYS D 16 4.40 -10.85 23.71
C LYS D 16 4.17 -10.77 22.15
N GLY D 17 4.81 -9.79 21.53
CA GLY D 17 4.70 -9.55 20.06
C GLY D 17 3.40 -8.88 19.58
N VAL D 18 2.35 -8.82 20.42
CA VAL D 18 1.12 -8.19 19.99
C VAL D 18 1.35 -6.69 19.97
N VAL D 19 0.94 -6.07 18.87
CA VAL D 19 1.15 -4.63 18.64
C VAL D 19 -0.13 -3.81 18.68
N GLY D 20 -1.24 -4.44 18.33
CA GLY D 20 -2.51 -3.75 18.43
C GLY D 20 -3.63 -4.74 18.43
N THR D 21 -4.76 -4.38 19.04
CA THR D 21 -5.90 -5.21 19.18
C THR D 21 -7.18 -4.38 18.88
N ILE D 22 -8.20 -4.98 18.25
CA ILE D 22 -9.48 -4.26 17.99
C ILE D 22 -10.56 -5.28 18.21
N VAL D 23 -11.63 -4.90 18.90
CA VAL D 23 -12.78 -5.80 19.11
C VAL D 23 -13.95 -5.15 18.41
N VAL D 24 -14.56 -5.93 17.52
CA VAL D 24 -15.60 -5.50 16.62
C VAL D 24 -16.87 -6.28 16.96
N ASN D 25 -18.05 -5.63 16.90
CA ASN D 25 -19.27 -6.39 17.15
C ASN D 25 -19.87 -7.04 15.91
N ASN D 26 -20.97 -7.76 16.10
CA ASN D 26 -21.58 -8.54 15.02
C ASN D 26 -22.16 -7.68 13.93
N GLU D 27 -22.25 -6.37 14.18
CA GLU D 27 -22.65 -5.45 13.13
C GLU D 27 -21.49 -4.68 12.47
N GLY D 28 -20.24 -5.07 12.77
CA GLY D 28 -19.07 -4.34 12.25
C GLY D 28 -18.58 -3.06 12.94
N ILE D 29 -19.19 -2.69 14.08
CA ILE D 29 -18.78 -1.51 14.85
C ILE D 29 -17.62 -1.90 15.78
N PRO D 30 -16.48 -1.21 15.69
CA PRO D 30 -15.33 -1.38 16.61
C PRO D 30 -15.79 -1.09 18.02
N VAL D 31 -15.79 -2.08 18.91
CA VAL D 31 -16.13 -1.73 20.32
C VAL D 31 -14.95 -1.25 21.21
N LYS D 32 -13.75 -1.73 20.93
CA LYS D 32 -12.56 -1.35 21.68
C LYS D 32 -11.36 -1.42 20.75
N SER D 33 -10.46 -0.45 20.83
CA SER D 33 -9.27 -0.50 19.99
C SER D 33 -8.12 0.16 20.69
N THR D 34 -6.91 -0.32 20.42
CA THR D 34 -5.68 0.28 20.91
C THR D 34 -5.15 1.23 19.83
N LEU D 35 -5.80 1.31 18.65
CA LEU D 35 -5.33 2.24 17.60
C LEU D 35 -6.21 3.46 17.61
N ASP D 36 -5.85 4.52 16.87
CA ASP D 36 -6.67 5.72 16.76
C ASP D 36 -7.80 5.49 15.81
N ASN D 37 -8.74 6.42 15.73
CA ASN D 37 -10.05 6.10 15.08
C ASN D 37 -9.89 5.90 13.58
N THR D 38 -9.07 6.67 12.87
CA THR D 38 -9.09 6.43 11.42
C THR D 38 -8.28 5.16 11.04
N THR D 39 -7.22 4.84 11.80
CA THR D 39 -6.50 3.55 11.63
C THR D 39 -7.40 2.33 11.99
N THR D 40 -8.08 2.40 13.13
CA THR D 40 -9.00 1.34 13.50
C THR D 40 -10.07 1.08 12.45
N VAL D 41 -10.64 2.15 11.87
CA VAL D 41 -11.60 2.04 10.78
C VAL D 41 -11.06 1.22 9.60
N GLN D 42 -9.85 1.54 9.10
CA GLN D 42 -9.26 0.80 8.00
C GLN D 42 -8.99 -0.69 8.37
N TYR D 43 -8.36 -0.95 9.48
CA TYR D 43 -8.08 -2.38 9.87
C TYR D 43 -9.36 -3.21 10.07
N ALA D 44 -10.34 -2.63 10.76
CA ALA D 44 -11.60 -3.33 11.00
C ALA D 44 -12.38 -3.52 9.73
N GLY D 45 -12.50 -2.51 8.88
CA GLY D 45 -13.31 -2.69 7.69
C GLY D 45 -12.62 -3.67 6.74
N LEU D 46 -11.32 -3.44 6.49
CA LEU D 46 -10.65 -4.24 5.44
C LEU D 46 -10.53 -5.73 5.91
N MET D 47 -10.23 -5.91 7.17
CA MET D 47 -10.18 -7.30 7.74
C MET D 47 -11.53 -7.92 7.75
N SER D 48 -12.58 -7.13 7.97
CA SER D 48 -13.94 -7.71 7.92
C SER D 48 -14.33 -8.12 6.50
N GLN D 49 -13.85 -7.38 5.49
CA GLN D 49 -14.04 -7.79 4.11
C GLN D 49 -13.35 -9.11 3.88
N LEU D 50 -12.06 -9.22 4.28
CA LEU D 50 -11.26 -10.46 4.08
C LEU D 50 -11.94 -11.65 4.80
N ALA D 51 -12.36 -11.45 6.05
CA ALA D 51 -13.04 -12.53 6.80
C ALA D 51 -14.33 -12.93 6.15
N ASP D 52 -15.08 -11.96 5.64
CA ASP D 52 -16.38 -12.30 5.06
C ASP D 52 -16.12 -13.11 3.77
N LYS D 53 -15.12 -12.75 3.02
CA LYS D 53 -14.78 -13.58 1.84
C LYS D 53 -14.34 -15.05 2.24
N ALA D 54 -13.43 -15.16 3.20
CA ALA D 54 -13.01 -16.42 3.76
C ALA D 54 -14.22 -17.28 4.21
N ARG D 55 -15.18 -16.65 4.89
CA ARG D 55 -16.35 -17.38 5.36
C ARG D 55 -17.18 -17.96 4.24
N SER D 56 -17.46 -17.17 3.21
CA SER D 56 -18.17 -17.62 1.99
C SER D 56 -17.41 -18.71 1.25
N VAL D 57 -16.06 -18.57 1.14
CA VAL D 57 -15.26 -19.58 0.43
C VAL D 57 -15.40 -20.93 1.18
N VAL D 58 -15.24 -20.94 2.51
CA VAL D 58 -15.47 -22.20 3.32
C VAL D 58 -16.85 -22.87 3.09
N ARG D 59 -17.91 -22.08 3.19
CA ARG D 59 -19.26 -22.58 2.92
C ARG D 59 -19.42 -23.02 1.47
N ASP D 60 -18.71 -22.37 0.54
CA ASP D 60 -18.83 -22.71 -0.90
C ASP D 60 -18.25 -24.11 -1.12
N LEU D 61 -17.16 -24.43 -0.41
CA LEU D 61 -16.45 -25.68 -0.51
C LEU D 61 -17.22 -26.74 0.23
N ASP D 62 -17.95 -26.35 1.28
CA ASP D 62 -18.68 -27.35 2.08
C ASP D 62 -19.68 -26.70 2.99
N PRO D 63 -20.97 -26.69 2.59
CA PRO D 63 -21.98 -25.97 3.36
C PRO D 63 -22.14 -26.54 4.82
N SER D 64 -21.54 -27.68 5.15
CA SER D 64 -21.65 -28.23 6.55
C SER D 64 -20.47 -27.67 7.39
N ASN D 65 -19.57 -26.98 6.71
CA ASN D 65 -18.38 -26.49 7.42
C ASN D 65 -18.51 -24.99 7.77
N ASP D 66 -17.70 -24.50 8.73
CA ASP D 66 -17.81 -23.11 9.23
C ASP D 66 -16.40 -22.62 9.58
N MET D 67 -16.07 -21.38 9.21
CA MET D 67 -14.75 -20.81 9.45
C MET D 67 -14.65 -20.51 10.93
N THR D 68 -13.49 -20.78 11.51
CA THR D 68 -13.30 -20.60 12.95
C THR D 68 -12.13 -19.60 13.23
N PHE D 69 -11.20 -19.44 12.29
CA PHE D 69 -10.02 -18.61 12.56
C PHE D 69 -9.43 -18.24 11.22
N LEU D 70 -8.86 -17.03 11.13
CA LEU D 70 -8.14 -16.53 9.91
C LEU D 70 -6.79 -15.88 10.34
N ARG D 71 -5.67 -16.22 9.70
CA ARG D 71 -4.35 -15.52 9.96
C ARG D 71 -3.78 -15.07 8.63
N VAL D 72 -3.39 -13.81 8.52
CA VAL D 72 -2.72 -13.36 7.29
CA VAL D 72 -2.74 -13.32 7.31
C VAL D 72 -1.36 -12.85 7.72
N ARG D 73 -0.34 -13.49 7.15
CA ARG D 73 1.06 -13.09 7.43
C ARG D 73 1.54 -12.26 6.29
N SER D 74 2.28 -11.21 6.61
CA SER D 74 2.79 -10.34 5.59
C SER D 74 4.25 -10.16 5.92
N LYS D 75 4.98 -9.52 5.07
CA LYS D 75 6.40 -9.20 5.41
C LYS D 75 6.52 -8.35 6.67
N LYS D 76 5.60 -7.38 6.90
CA LYS D 76 5.70 -6.55 8.12
C LYS D 76 5.13 -7.09 9.43
N HIS D 77 4.05 -7.87 9.36
CA HIS D 77 3.42 -8.37 10.54
C HIS D 77 2.52 -9.57 10.25
N GLU D 78 1.78 -9.98 11.27
CA GLU D 78 0.72 -10.98 11.07
C GLU D 78 -0.53 -10.40 11.69
N ILE D 79 -1.69 -10.69 11.10
CA ILE D 79 -2.98 -10.25 11.63
C ILE D 79 -3.90 -11.48 11.75
N MET D 80 -4.50 -11.65 12.93
CA MET D 80 -5.40 -12.81 13.20
C MET D 80 -6.77 -12.21 13.33
N VAL D 81 -7.80 -12.92 12.85
CA VAL D 81 -9.21 -12.55 13.02
C VAL D 81 -9.85 -13.81 13.63
N ALA D 82 -10.39 -13.64 14.83
CA ALA D 82 -10.78 -14.81 15.64
C ALA D 82 -12.24 -14.53 15.94
N PRO D 83 -13.17 -15.10 15.11
CA PRO D 83 -14.61 -14.92 15.29
C PRO D 83 -14.98 -15.63 16.55
N ASP D 84 -14.93 -14.90 17.66
CA ASP D 84 -15.12 -15.43 19.01
C ASP D 84 -16.49 -15.06 19.64
N LYS D 85 -17.36 -16.05 19.71
CA LYS D 85 -18.67 -15.93 20.39
C LYS D 85 -19.44 -14.73 19.77
N ASP D 86 -19.78 -13.68 20.54
CA ASP D 86 -20.44 -12.49 19.91
C ASP D 86 -19.55 -11.53 19.09
N PHE D 87 -18.34 -11.25 19.62
CA PHE D 87 -17.42 -10.28 19.07
C PHE D 87 -16.32 -10.90 18.21
N ILE D 88 -15.65 -10.08 17.40
CA ILE D 88 -14.56 -10.53 16.53
C ILE D 88 -13.34 -9.77 17.03
N LEU D 89 -12.24 -10.47 17.28
CA LEU D 89 -11.00 -9.92 17.72
C LEU D 89 -10.17 -9.87 16.46
N ILE D 90 -9.51 -8.73 16.22
CA ILE D 90 -8.51 -8.57 15.22
C ILE D 90 -7.30 -8.24 16.04
N VAL D 91 -6.23 -9.01 15.86
CA VAL D 91 -4.99 -8.82 16.64
C VAL D 91 -3.84 -8.67 15.65
N ILE D 92 -3.14 -7.54 15.75
CA ILE D 92 -1.95 -7.28 14.97
C ILE D 92 -0.72 -7.61 15.80
N GLN D 93 0.18 -8.41 15.23
CA GLN D 93 1.32 -8.97 15.96
C GLN D 93 2.56 -9.03 15.07
N ASN D 94 3.71 -8.90 15.70
CA ASN D 94 5.01 -8.83 14.96
C ASN D 94 5.46 -10.13 14.30
#